data_5AIF
#
_entry.id   5AIF
#
_cell.length_a   96.370
_cell.length_b   96.370
_cell.length_c   57.810
_cell.angle_alpha   90.00
_cell.angle_beta   90.00
_cell.angle_gamma   120.00
#
_symmetry.space_group_name_H-M   'P 65'
#
loop_
_entity.id
_entity.type
_entity.pdbx_description
1 polymer 'LIMONENE-1,2-EPOXIDE HYDROLASE'
2 non-polymer IMIDAZOLE
3 water water
#
_entity_poly.entity_id   1
_entity_poly.type   'polypeptide(L)'
_entity_poly.pdbx_seq_one_letter_code
;MTPIETVTAFIAHWNSGDMEAMYDLCAEDVVWHNIPMEPIAGKPAMRAAVEGFMANVSQCDWQVHAIAANGATVLTERTD
GFTFTNGRRATIRVMGTFECDAERRIIAWRDYFDMLEFQREFAGA
;
_entity_poly.pdbx_strand_id   A,B
#
loop_
_chem_comp.id
_chem_comp.type
_chem_comp.name
_chem_comp.formula
IMD non-polymer IMIDAZOLE 'C3 H5 N2 1'
#
# COMPACT_ATOMS: atom_id res chain seq x y z
N MET A 1 -21.72 7.49 11.64
CA MET A 1 -21.06 6.47 10.73
CA MET A 1 -21.06 6.51 10.73
C MET A 1 -19.64 6.31 11.21
N THR A 2 -19.17 5.06 11.32
CA THR A 2 -17.81 4.80 11.77
C THR A 2 -16.82 5.12 10.64
N PRO A 3 -15.52 5.22 10.96
CA PRO A 3 -14.53 5.40 9.91
C PRO A 3 -14.58 4.31 8.84
N ILE A 4 -14.68 3.03 9.23
CA ILE A 4 -14.70 1.96 8.28
CA ILE A 4 -14.74 1.93 8.24
C ILE A 4 -15.97 2.06 7.38
N GLU A 5 -17.12 2.38 7.99
CA GLU A 5 -18.36 2.57 7.20
C GLU A 5 -18.23 3.73 6.21
N THR A 6 -17.58 4.79 6.64
CA THR A 6 -17.36 5.99 5.80
C THR A 6 -16.51 5.64 4.57
N VAL A 7 -15.40 4.94 4.79
CA VAL A 7 -14.52 4.55 3.68
C VAL A 7 -15.22 3.55 2.75
N THR A 8 -15.99 2.63 3.34
CA THR A 8 -16.73 1.67 2.54
C THR A 8 -17.73 2.40 1.62
N ALA A 9 -18.42 3.39 2.16
CA ALA A 9 -19.35 4.19 1.36
C ALA A 9 -18.61 4.99 0.28
N PHE A 10 -17.46 5.56 0.65
CA PHE A 10 -16.63 6.32 -0.29
C PHE A 10 -16.28 5.46 -1.54
N ILE A 11 -15.84 4.24 -1.30
CA ILE A 11 -15.51 3.30 -2.38
CA ILE A 11 -15.51 3.33 -2.41
C ILE A 11 -16.77 2.96 -3.20
N ALA A 12 -17.89 2.76 -2.50
CA ALA A 12 -19.14 2.49 -3.20
C ALA A 12 -19.52 3.63 -4.14
N HIS A 13 -19.26 4.88 -3.75
CA HIS A 13 -19.56 6.03 -4.60
C HIS A 13 -18.66 6.07 -5.85
N TRP A 14 -17.39 5.72 -5.71
CA TRP A 14 -16.53 5.55 -6.88
C TRP A 14 -17.11 4.48 -7.82
N ASN A 15 -17.58 3.39 -7.24
CA ASN A 15 -18.12 2.29 -8.04
C ASN A 15 -19.44 2.60 -8.73
N SER A 16 -20.29 3.42 -8.11
CA SER A 16 -21.56 3.83 -8.73
C SER A 16 -21.43 5.01 -9.66
N GLY A 17 -20.32 5.75 -9.56
CA GLY A 17 -20.14 6.99 -10.29
C GLY A 17 -20.75 8.22 -9.63
N ASP A 18 -21.23 8.08 -8.38
CA ASP A 18 -21.86 9.21 -7.65
C ASP A 18 -20.74 10.05 -7.04
N MET A 19 -20.12 10.86 -7.89
CA MET A 19 -18.95 11.63 -7.48
CA MET A 19 -18.96 11.63 -7.49
C MET A 19 -19.32 12.74 -6.49
N GLU A 20 -20.54 13.29 -6.59
CA GLU A 20 -20.97 14.29 -5.62
C GLU A 20 -21.07 13.71 -4.20
N ALA A 21 -21.57 12.47 -4.08
CA ALA A 21 -21.62 11.82 -2.78
C ALA A 21 -20.22 11.53 -2.25
N MET A 22 -19.31 11.20 -3.16
CA MET A 22 -17.89 10.98 -2.84
C MET A 22 -17.26 12.27 -2.27
N TYR A 23 -17.43 13.40 -2.96
CA TYR A 23 -16.89 14.68 -2.46
CA TYR A 23 -16.86 14.66 -2.46
C TYR A 23 -17.49 15.03 -1.11
N ASP A 24 -18.78 14.77 -0.95
CA ASP A 24 -19.49 15.14 0.28
C ASP A 24 -18.92 14.48 1.54
N LEU A 25 -18.26 13.33 1.39
CA LEU A 25 -17.64 12.64 2.53
C LEU A 25 -16.29 13.24 2.94
N CYS A 26 -15.77 14.18 2.14
CA CYS A 26 -14.46 14.79 2.37
C CYS A 26 -14.52 16.16 2.99
N ALA A 27 -13.54 16.47 3.83
CA ALA A 27 -13.32 17.81 4.32
C ALA A 27 -12.90 18.75 3.19
N GLU A 28 -13.18 20.04 3.35
CA GLU A 28 -12.78 21.03 2.35
CA GLU A 28 -12.79 21.04 2.36
C GLU A 28 -11.29 20.99 2.06
N ASP A 29 -10.48 20.73 3.09
CA ASP A 29 -9.02 20.76 2.98
CA ASP A 29 -9.01 20.75 2.97
C ASP A 29 -8.44 19.34 2.82
N VAL A 30 -9.25 18.40 2.34
CA VAL A 30 -8.78 17.03 2.07
C VAL A 30 -7.51 17.04 1.21
N VAL A 31 -6.59 16.14 1.55
CA VAL A 31 -5.40 15.88 0.74
C VAL A 31 -5.57 14.50 0.07
N TRP A 32 -5.47 14.48 -1.26
CA TRP A 32 -5.54 13.23 -2.04
C TRP A 32 -4.19 13.04 -2.69
N HIS A 33 -3.49 11.99 -2.27
CA HIS A 33 -2.12 11.77 -2.72
C HIS A 33 -1.95 10.38 -3.28
N ASN A 34 -1.87 10.30 -4.61
CA ASN A 34 -1.34 9.10 -5.27
C ASN A 34 0.17 9.21 -5.11
N ILE A 35 0.73 8.32 -4.29
CA ILE A 35 2.10 8.47 -3.76
C ILE A 35 3.18 8.79 -4.82
N PRO A 36 3.12 8.19 -6.02
CA PRO A 36 4.13 8.53 -7.05
C PRO A 36 3.99 9.93 -7.68
N MET A 37 2.88 10.61 -7.38
CA MET A 37 2.51 11.88 -8.01
CA MET A 37 2.50 11.86 -8.02
CA MET A 37 2.50 11.86 -8.02
C MET A 37 2.47 13.01 -6.99
N GLU A 38 2.31 14.24 -7.49
CA GLU A 38 2.13 15.39 -6.60
CA GLU A 38 2.15 15.37 -6.59
C GLU A 38 0.81 15.27 -5.84
N PRO A 39 0.82 15.58 -4.53
CA PRO A 39 -0.47 15.58 -3.84
C PRO A 39 -1.43 16.64 -4.37
N ILE A 40 -2.72 16.34 -4.22
CA ILE A 40 -3.81 17.22 -4.63
CA ILE A 40 -3.80 17.23 -4.62
C ILE A 40 -4.42 17.79 -3.34
N ALA A 41 -4.35 19.11 -3.19
CA ALA A 41 -4.72 19.76 -1.93
C ALA A 41 -6.03 20.53 -2.08
N GLY A 42 -7.05 20.04 -1.38
CA GLY A 42 -8.32 20.73 -1.29
C GLY A 42 -9.39 20.19 -2.23
N LYS A 43 -10.63 20.37 -1.84
CA LYS A 43 -11.73 19.83 -2.62
CA LYS A 43 -11.77 19.86 -2.62
C LYS A 43 -11.84 20.40 -4.06
N PRO A 44 -11.60 21.71 -4.27
CA PRO A 44 -11.65 22.19 -5.65
C PRO A 44 -10.63 21.49 -6.58
N ALA A 45 -9.41 21.33 -6.07
CA ALA A 45 -8.36 20.68 -6.84
C ALA A 45 -8.70 19.19 -7.03
N MET A 46 -9.32 18.57 -6.02
CA MET A 46 -9.79 17.18 -6.14
CA MET A 46 -9.77 17.20 -6.15
C MET A 46 -10.79 17.06 -7.29
N ARG A 47 -11.79 17.95 -7.34
CA ARG A 47 -12.80 17.93 -8.41
CA ARG A 47 -12.78 17.94 -8.41
C ARG A 47 -12.15 18.03 -9.79
N ALA A 48 -11.19 18.95 -9.94
CA ALA A 48 -10.49 19.10 -11.22
C ALA A 48 -9.67 17.86 -11.59
N ALA A 49 -8.97 17.28 -10.62
CA ALA A 49 -8.12 16.11 -10.86
C ALA A 49 -8.97 14.92 -11.25
N VAL A 50 -10.09 14.74 -10.58
N VAL A 50 -10.10 14.75 -10.57
CA VAL A 50 -11.01 13.67 -10.90
CA VAL A 50 -11.03 13.67 -10.88
C VAL A 50 -11.53 13.81 -12.33
C VAL A 50 -11.66 13.80 -12.26
N GLU A 51 -11.95 15.02 -12.69
CA GLU A 51 -12.42 15.26 -14.06
CA GLU A 51 -12.42 15.25 -14.06
C GLU A 51 -11.36 14.82 -15.09
N GLY A 52 -10.10 15.16 -14.83
CA GLY A 52 -9.00 14.77 -15.73
C GLY A 52 -8.72 13.27 -15.78
N PHE A 53 -8.60 12.66 -14.58
CA PHE A 53 -8.33 11.23 -14.45
CA PHE A 53 -8.33 11.23 -14.43
C PHE A 53 -9.41 10.37 -15.09
N MET A 54 -10.65 10.86 -15.06
CA MET A 54 -11.81 10.09 -15.53
CA MET A 54 -11.80 10.09 -15.52
C MET A 54 -12.24 10.40 -16.95
N ALA A 55 -11.53 11.31 -17.63
CA ALA A 55 -11.89 11.73 -18.99
C ALA A 55 -12.13 10.56 -19.98
N ASN A 56 -11.28 9.54 -19.89
CA ASN A 56 -11.35 8.38 -20.79
CA ASN A 56 -11.34 8.38 -20.77
C ASN A 56 -11.85 7.14 -20.05
N VAL A 57 -12.49 7.34 -18.90
CA VAL A 57 -13.00 6.24 -18.08
C VAL A 57 -14.53 6.28 -18.04
N SER A 58 -15.15 5.15 -18.39
CA SER A 58 -16.61 5.03 -18.38
CA SER A 58 -16.61 5.01 -18.38
CA SER A 58 -16.60 5.00 -18.37
C SER A 58 -17.14 4.45 -17.05
N GLN A 59 -16.36 3.58 -16.42
CA GLN A 59 -16.78 2.90 -15.19
CA GLN A 59 -16.79 2.88 -15.19
C GLN A 59 -15.58 2.55 -14.31
N CYS A 60 -15.80 2.58 -12.99
CA CYS A 60 -14.85 2.03 -11.99
C CYS A 60 -15.46 0.81 -11.33
N ASP A 61 -14.59 -0.17 -11.04
CA ASP A 61 -14.97 -1.35 -10.25
CA ASP A 61 -14.97 -1.36 -10.27
C ASP A 61 -13.81 -1.66 -9.31
N TRP A 62 -13.85 -1.03 -8.14
CA TRP A 62 -12.80 -1.13 -7.14
C TRP A 62 -13.22 -2.16 -6.09
N GLN A 63 -12.40 -3.20 -5.95
CA GLN A 63 -12.66 -4.30 -5.04
CA GLN A 63 -12.66 -4.32 -5.04
C GLN A 63 -11.75 -4.22 -3.83
N VAL A 64 -12.35 -4.19 -2.63
CA VAL A 64 -11.61 -4.17 -1.38
C VAL A 64 -11.37 -5.62 -0.93
N HIS A 65 -10.10 -6.04 -0.89
CA HIS A 65 -9.72 -7.39 -0.41
C HIS A 65 -9.57 -7.43 1.10
N ALA A 66 -9.08 -6.35 1.69
CA ALA A 66 -8.94 -6.24 3.14
C ALA A 66 -9.13 -4.80 3.56
N ILE A 67 -9.73 -4.61 4.72
CA ILE A 67 -9.95 -3.28 5.30
C ILE A 67 -9.85 -3.41 6.81
N ALA A 68 -9.15 -2.46 7.43
CA ALA A 68 -8.93 -2.48 8.87
C ALA A 68 -8.81 -1.04 9.35
N ALA A 69 -9.34 -0.79 10.55
CA ALA A 69 -9.27 0.54 11.13
C ALA A 69 -8.60 0.52 12.47
N ASN A 70 -7.92 1.64 12.74
CA ASN A 70 -7.36 1.94 14.03
C ASN A 70 -7.81 3.37 14.32
N GLY A 71 -8.86 3.51 15.09
CA GLY A 71 -9.43 4.83 15.33
C GLY A 71 -9.80 5.53 14.02
N ALA A 72 -9.26 6.74 13.84
CA ALA A 72 -9.58 7.58 12.71
C ALA A 72 -8.88 7.18 11.40
N THR A 73 -8.00 6.18 11.45
CA THR A 73 -7.26 5.73 10.28
C THR A 73 -7.83 4.41 9.77
N VAL A 74 -8.09 4.35 8.46
CA VAL A 74 -8.59 3.13 7.82
C VAL A 74 -7.62 2.75 6.71
N LEU A 75 -7.15 1.50 6.76
CA LEU A 75 -6.22 0.98 5.76
CA LEU A 75 -6.21 0.98 5.74
C LEU A 75 -6.94 -0.03 4.86
N THR A 76 -6.56 -0.05 3.58
CA THR A 76 -7.21 -0.90 2.59
C THR A 76 -6.20 -1.59 1.68
N GLU A 77 -6.56 -2.80 1.22
CA GLU A 77 -5.88 -3.52 0.15
C GLU A 77 -6.92 -3.76 -0.93
N ARG A 78 -6.63 -3.33 -2.15
CA ARG A 78 -7.64 -3.28 -3.21
C ARG A 78 -7.10 -3.70 -4.57
N THR A 79 -8.02 -4.07 -5.47
CA THR A 79 -7.75 -4.08 -6.90
CA THR A 79 -7.76 -4.05 -6.91
C THR A 79 -8.71 -3.07 -7.52
N ASP A 80 -8.15 -2.00 -8.11
CA ASP A 80 -8.98 -0.95 -8.71
C ASP A 80 -9.11 -1.22 -10.19
N GLY A 81 -10.33 -1.59 -10.59
CA GLY A 81 -10.65 -1.83 -11.99
C GLY A 81 -11.24 -0.60 -12.64
N PHE A 82 -10.98 -0.48 -13.94
CA PHE A 82 -11.47 0.61 -14.76
C PHE A 82 -11.95 0.05 -16.09
N THR A 83 -13.02 0.64 -16.63
CA THR A 83 -13.43 0.40 -18.01
C THR A 83 -13.27 1.71 -18.76
N PHE A 84 -12.49 1.68 -19.85
CA PHE A 84 -12.23 2.86 -20.64
C PHE A 84 -13.32 3.07 -21.67
N THR A 85 -13.25 4.20 -22.36
N THR A 85 -13.28 4.21 -22.34
CA THR A 85 -14.29 4.61 -23.30
CA THR A 85 -14.35 4.61 -23.26
C THR A 85 -14.60 3.57 -24.37
C THR A 85 -14.61 3.58 -24.39
N ASN A 86 -13.57 2.89 -24.87
CA ASN A 86 -13.77 1.84 -25.89
C ASN A 86 -14.19 0.47 -25.34
N GLY A 87 -14.35 0.35 -24.03
CA GLY A 87 -14.74 -0.90 -23.39
C GLY A 87 -13.59 -1.76 -22.89
N ARG A 88 -12.34 -1.39 -23.19
CA ARG A 88 -11.17 -2.06 -22.63
CA ARG A 88 -11.23 -2.14 -22.63
C ARG A 88 -11.23 -1.95 -21.11
N ARG A 89 -10.81 -3.00 -20.40
CA ARG A 89 -10.75 -2.98 -18.96
CA ARG A 89 -10.76 -2.98 -18.94
C ARG A 89 -9.33 -3.18 -18.48
N ALA A 90 -9.01 -2.58 -17.35
CA ALA A 90 -7.72 -2.77 -16.72
C ALA A 90 -7.89 -2.78 -15.22
N THR A 91 -6.91 -3.35 -14.54
CA THR A 91 -6.87 -3.39 -13.09
C THR A 91 -5.49 -2.97 -12.60
N ILE A 92 -5.51 -2.26 -11.46
CA ILE A 92 -4.29 -1.81 -10.79
CA ILE A 92 -4.29 -1.82 -10.79
C ILE A 92 -4.36 -2.25 -9.33
N ARG A 93 -3.30 -2.91 -8.87
CA ARG A 93 -3.21 -3.35 -7.48
C ARG A 93 -2.74 -2.17 -6.61
N VAL A 94 -3.47 -1.90 -5.52
CA VAL A 94 -3.24 -0.70 -4.73
CA VAL A 94 -3.29 -0.68 -4.73
C VAL A 94 -3.57 -0.93 -3.26
N MET A 95 -2.79 -0.29 -2.38
CA MET A 95 -3.18 -0.16 -0.98
C MET A 95 -3.41 1.32 -0.68
N GLY A 96 -4.38 1.62 0.17
CA GLY A 96 -4.65 3.02 0.50
C GLY A 96 -4.87 3.25 1.98
N THR A 97 -4.36 4.39 2.45
CA THR A 97 -4.58 4.89 3.80
C THR A 97 -5.57 6.07 3.73
N PHE A 98 -6.61 6.00 4.57
CA PHE A 98 -7.58 7.07 4.74
C PHE A 98 -7.51 7.56 6.17
N GLU A 99 -7.55 8.88 6.35
CA GLU A 99 -7.67 9.49 7.68
C GLU A 99 -8.94 10.32 7.74
N CYS A 100 -9.61 10.24 8.88
CA CYS A 100 -10.82 10.99 9.22
CA CYS A 100 -10.75 11.11 9.11
C CYS A 100 -10.59 11.95 10.39
N ASP A 101 -11.42 12.98 10.52
CA ASP A 101 -11.51 13.71 11.78
C ASP A 101 -12.52 13.03 12.72
N ALA A 102 -12.83 13.63 13.87
CA ALA A 102 -13.69 12.96 14.85
C ALA A 102 -15.14 12.85 14.40
N GLU A 103 -15.53 13.75 13.49
N GLU A 103 -15.56 13.75 13.50
CA GLU A 103 -16.84 13.73 12.85
CA GLU A 103 -16.90 13.67 12.89
C GLU A 103 -16.88 12.86 11.60
C GLU A 103 -16.90 12.82 11.60
N ARG A 104 -15.77 12.15 11.36
CA ARG A 104 -15.62 11.18 10.27
CA ARG A 104 -15.62 11.19 10.26
C ARG A 104 -15.56 11.82 8.87
N ARG A 105 -15.23 13.12 8.79
CA ARG A 105 -14.92 13.74 7.51
C ARG A 105 -13.57 13.17 7.03
N ILE A 106 -13.45 12.81 5.75
CA ILE A 106 -12.16 12.33 5.20
C ILE A 106 -11.23 13.50 4.97
N ILE A 107 -10.08 13.49 5.67
CA ILE A 107 -9.10 14.58 5.65
CA ILE A 107 -9.13 14.60 5.60
C ILE A 107 -7.87 14.21 4.80
N ALA A 108 -7.61 12.91 4.60
CA ALA A 108 -6.45 12.47 3.79
C ALA A 108 -6.74 11.11 3.16
N TRP A 109 -6.23 10.92 1.95
CA TRP A 109 -6.34 9.69 1.19
C TRP A 109 -5.03 9.50 0.43
N ARG A 110 -4.25 8.48 0.81
CA ARG A 110 -2.95 8.21 0.22
C ARG A 110 -2.95 6.81 -0.38
N ASP A 111 -2.78 6.71 -1.70
CA ASP A 111 -2.78 5.43 -2.41
C ASP A 111 -1.35 5.08 -2.90
N TYR A 112 -1.01 3.81 -2.66
CA TYR A 112 0.32 3.23 -2.91
C TYR A 112 0.19 2.15 -3.98
N PHE A 113 0.95 2.31 -5.06
CA PHE A 113 0.90 1.42 -6.21
C PHE A 113 2.16 1.64 -7.04
N ASP A 114 2.37 0.75 -8.01
CA ASP A 114 3.49 0.84 -8.92
C ASP A 114 3.14 1.79 -10.08
N MET A 115 3.92 2.86 -10.23
CA MET A 115 3.67 3.81 -11.31
C MET A 115 3.77 3.12 -12.68
N LEU A 116 4.61 2.12 -12.83
CA LEU A 116 4.73 1.39 -14.11
C LEU A 116 3.44 0.64 -14.48
N GLU A 117 2.78 0.04 -13.47
CA GLU A 117 1.53 -0.70 -13.63
C GLU A 117 0.43 0.29 -14.08
N PHE A 118 0.44 1.47 -13.45
CA PHE A 118 -0.48 2.55 -13.80
C PHE A 118 -0.24 3.10 -15.21
N GLN A 119 1.01 3.47 -15.51
CA GLN A 119 1.39 4.02 -16.82
C GLN A 119 1.04 3.07 -17.97
N ARG A 120 1.23 1.76 -17.75
CA ARG A 120 0.90 0.76 -18.77
CA ARG A 120 0.90 0.76 -18.77
C ARG A 120 -0.56 0.86 -19.16
N GLU A 121 -1.43 0.95 -18.17
CA GLU A 121 -2.86 0.89 -18.40
C GLU A 121 -3.50 2.19 -18.79
N PHE A 122 -2.90 3.31 -18.41
CA PHE A 122 -3.46 4.63 -18.66
C PHE A 122 -2.81 5.38 -19.82
N ALA A 123 -1.76 4.80 -20.41
CA ALA A 123 -1.16 5.39 -21.61
C ALA A 123 -2.14 5.35 -22.79
N GLY A 124 -2.17 6.43 -23.57
CA GLY A 124 -3.07 6.54 -24.72
C GLY A 124 -4.53 6.63 -24.33
N MET B 1 2.13 -13.75 20.95
CA MET B 1 1.84 -12.36 20.57
C MET B 1 0.52 -12.25 19.81
N THR B 2 -0.11 -11.08 19.89
CA THR B 2 -1.26 -10.77 19.05
C THR B 2 -0.81 -10.54 17.59
N PRO B 3 -1.75 -10.52 16.63
CA PRO B 3 -1.34 -10.24 15.23
C PRO B 3 -0.59 -8.89 15.07
N ILE B 4 -1.09 -7.83 15.67
CA ILE B 4 -0.40 -6.53 15.56
C ILE B 4 0.98 -6.60 16.22
N GLU B 5 1.07 -7.22 17.40
CA GLU B 5 2.38 -7.37 18.03
C GLU B 5 3.37 -8.15 17.17
N THR B 6 2.87 -9.18 16.49
CA THR B 6 3.71 -10.02 15.65
C THR B 6 4.33 -9.21 14.53
N VAL B 7 3.51 -8.40 13.86
CA VAL B 7 4.02 -7.56 12.79
C VAL B 7 4.98 -6.46 13.34
N THR B 8 4.65 -5.87 14.48
CA THR B 8 5.53 -4.90 15.13
C THR B 8 6.90 -5.53 15.43
N ALA B 9 6.89 -6.75 15.98
CA ALA B 9 8.14 -7.45 16.31
C ALA B 9 8.93 -7.80 15.04
N PHE B 10 8.22 -8.24 13.99
CA PHE B 10 8.83 -8.56 12.71
C PHE B 10 9.62 -7.36 12.18
N ILE B 11 9.00 -6.20 12.21
CA ILE B 11 9.63 -4.96 11.78
CA ILE B 11 9.68 -4.99 11.74
C ILE B 11 10.83 -4.62 12.69
N ALA B 12 10.66 -4.79 14.00
CA ALA B 12 11.77 -4.58 14.93
C ALA B 12 12.98 -5.47 14.62
N HIS B 13 12.74 -6.70 14.21
CA HIS B 13 13.84 -7.61 13.88
C HIS B 13 14.57 -7.20 12.60
N TRP B 14 13.83 -6.75 11.58
CA TRP B 14 14.47 -6.12 10.43
C TRP B 14 15.35 -4.96 10.87
N ASN B 15 14.84 -4.15 11.77
CA ASN B 15 15.54 -2.95 12.22
C ASN B 15 16.79 -3.25 13.06
N SER B 16 16.77 -4.33 13.84
CA SER B 16 17.95 -4.70 14.65
C SER B 16 18.93 -5.57 13.89
N GLY B 17 18.50 -6.17 12.79
CA GLY B 17 19.29 -7.15 12.07
C GLY B 17 19.24 -8.56 12.64
N ASP B 18 18.28 -8.84 13.52
CA ASP B 18 18.07 -10.20 14.04
C ASP B 18 17.23 -10.98 13.03
N MET B 19 17.88 -11.41 11.95
CA MET B 19 17.17 -12.03 10.85
CA MET B 19 17.19 -12.04 10.85
C MET B 19 16.61 -13.40 11.23
N GLU B 20 17.29 -14.12 12.14
CA GLU B 20 16.75 -15.42 12.57
C GLU B 20 15.43 -15.23 13.38
N ALA B 21 15.34 -14.19 14.20
CA ALA B 21 14.08 -13.91 14.89
C ALA B 21 12.98 -13.52 13.90
N MET B 22 13.37 -12.80 12.85
CA MET B 22 12.47 -12.43 11.75
C MET B 22 11.92 -13.70 11.07
N TYR B 23 12.79 -14.63 10.66
CA TYR B 23 12.32 -15.84 9.98
CA TYR B 23 12.35 -15.87 10.01
C TYR B 23 11.45 -16.67 10.93
N ASP B 24 11.77 -16.67 12.23
CA ASP B 24 11.04 -17.48 13.19
CA ASP B 24 11.04 -17.46 13.23
C ASP B 24 9.56 -17.07 13.30
N LEU B 25 9.25 -15.81 12.98
CA LEU B 25 7.85 -15.35 12.97
C LEU B 25 7.07 -15.74 11.71
N CYS B 26 7.75 -16.33 10.73
CA CYS B 26 7.11 -16.72 9.47
C CYS B 26 6.82 -18.21 9.44
N ALA B 27 5.72 -18.56 8.82
CA ALA B 27 5.41 -19.96 8.53
C ALA B 27 6.36 -20.54 7.50
N GLU B 28 6.54 -21.85 7.52
CA GLU B 28 7.40 -22.53 6.55
CA GLU B 28 7.41 -22.51 6.54
C GLU B 28 6.97 -22.24 5.10
N ASP B 29 5.67 -22.12 4.87
CA ASP B 29 5.12 -21.88 3.53
CA ASP B 29 5.15 -21.89 3.51
C ASP B 29 4.78 -20.41 3.26
N VAL B 30 5.40 -19.51 4.00
CA VAL B 30 5.22 -18.07 3.80
C VAL B 30 5.40 -17.66 2.35
N VAL B 31 4.53 -16.76 1.88
CA VAL B 31 4.68 -16.10 0.59
C VAL B 31 5.08 -14.65 0.86
N TRP B 32 6.21 -14.25 0.29
CA TRP B 32 6.70 -12.88 0.37
C TRP B 32 6.61 -12.26 -1.02
N HIS B 33 5.77 -11.22 -1.15
CA HIS B 33 5.51 -10.65 -2.44
C HIS B 33 5.64 -9.13 -2.42
N ASN B 34 6.76 -8.65 -2.96
CA ASN B 34 6.88 -7.24 -3.34
C ASN B 34 6.08 -7.12 -4.64
N ILE B 35 4.95 -6.41 -4.58
CA ILE B 35 3.92 -6.44 -5.63
C ILE B 35 4.44 -6.26 -7.07
N PRO B 36 5.41 -5.35 -7.30
CA PRO B 36 5.93 -5.22 -8.68
C PRO B 36 6.81 -6.36 -9.17
N MET B 37 7.15 -7.29 -8.27
CA MET B 37 8.12 -8.37 -8.53
CA MET B 37 8.09 -8.36 -8.58
CA MET B 37 8.12 -8.36 -8.51
C MET B 37 7.46 -9.74 -8.42
N GLU B 38 8.19 -10.78 -8.81
CA GLU B 38 7.68 -12.13 -8.69
CA GLU B 38 7.70 -12.14 -8.68
C GLU B 38 7.57 -12.52 -7.20
N PRO B 39 6.47 -13.19 -6.82
CA PRO B 39 6.37 -13.65 -5.44
C PRO B 39 7.41 -14.73 -5.13
N ILE B 40 7.76 -14.79 -3.86
CA ILE B 40 8.73 -15.75 -3.35
CA ILE B 40 8.72 -15.77 -3.36
C ILE B 40 7.98 -16.73 -2.45
N ALA B 41 8.03 -18.02 -2.78
CA ALA B 41 7.24 -19.05 -2.10
C ALA B 41 8.07 -19.95 -1.20
N GLY B 42 7.85 -19.83 0.10
CA GLY B 42 8.45 -20.70 1.11
C GLY B 42 9.65 -20.07 1.79
N LYS B 43 9.90 -20.50 3.02
CA LYS B 43 10.99 -19.95 3.81
C LYS B 43 12.38 -20.13 3.18
N PRO B 44 12.69 -21.32 2.62
CA PRO B 44 14.01 -21.45 1.98
C PRO B 44 14.24 -20.43 0.84
N ALA B 45 13.22 -20.24 -0.01
CA ALA B 45 13.30 -19.26 -1.10
C ALA B 45 13.37 -17.83 -0.54
N MET B 46 12.64 -17.59 0.56
CA MET B 46 12.69 -16.28 1.23
CA MET B 46 12.67 -16.29 1.25
C MET B 46 14.10 -15.97 1.72
N ARG B 47 14.73 -16.95 2.36
CA ARG B 47 16.11 -16.78 2.83
CA ARG B 47 16.10 -16.77 2.85
C ARG B 47 17.04 -16.38 1.71
N ALA B 48 16.94 -17.09 0.58
CA ALA B 48 17.80 -16.80 -0.57
C ALA B 48 17.53 -15.40 -1.15
N ALA B 49 16.25 -15.03 -1.26
CA ALA B 49 15.87 -13.71 -1.78
C ALA B 49 16.32 -12.56 -0.86
N VAL B 50 16.16 -12.77 0.44
CA VAL B 50 16.64 -11.80 1.45
C VAL B 50 18.14 -11.60 1.31
N GLU B 51 18.89 -12.70 1.19
CA GLU B 51 20.35 -12.62 1.03
CA GLU B 51 20.36 -12.63 1.01
C GLU B 51 20.70 -11.72 -0.17
N GLY B 52 19.98 -11.90 -1.28
CA GLY B 52 20.21 -11.08 -2.48
C GLY B 52 19.86 -9.62 -2.30
N PHE B 53 18.67 -9.36 -1.77
CA PHE B 53 18.16 -8.03 -1.49
CA PHE B 53 18.18 -8.00 -1.51
C PHE B 53 19.07 -7.22 -0.53
N MET B 54 19.68 -7.93 0.42
CA MET B 54 20.46 -7.29 1.49
CA MET B 54 20.45 -7.30 1.49
C MET B 54 21.95 -7.25 1.22
N ALA B 55 22.38 -7.77 0.06
CA ALA B 55 23.80 -7.83 -0.28
C ALA B 55 24.56 -6.52 -0.09
N ASN B 56 23.92 -5.42 -0.50
CA ASN B 56 24.52 -4.10 -0.42
CA ASN B 56 24.50 -4.08 -0.43
C ASN B 56 23.88 -3.25 0.68
N VAL B 57 23.21 -3.89 1.64
CA VAL B 57 22.54 -3.18 2.75
C VAL B 57 23.18 -3.53 4.09
N SER B 58 23.58 -2.50 4.84
CA SER B 58 24.17 -2.66 6.16
CA SER B 58 24.17 -2.66 6.16
CA SER B 58 24.18 -2.63 6.16
C SER B 58 23.15 -2.56 7.29
N GLN B 59 22.11 -1.73 7.10
CA GLN B 59 21.11 -1.49 8.15
CA GLN B 59 21.09 -1.52 8.14
C GLN B 59 19.76 -1.16 7.52
N CYS B 60 18.70 -1.56 8.22
CA CYS B 60 17.33 -1.13 7.92
C CYS B 60 16.82 -0.24 9.04
N ASP B 61 16.01 0.76 8.67
CA ASP B 61 15.28 1.59 9.62
CA ASP B 61 15.30 1.63 9.59
C ASP B 61 13.89 1.83 9.05
N TRP B 62 13.01 0.87 9.31
CA TRP B 62 11.65 0.89 8.79
C TRP B 62 10.71 1.46 9.85
N GLN B 63 10.01 2.53 9.48
CA GLN B 63 9.14 3.27 10.38
CA GLN B 63 9.14 3.27 10.39
C GLN B 63 7.68 3.03 10.03
N VAL B 64 6.92 2.54 10.99
CA VAL B 64 5.47 2.33 10.83
C VAL B 64 4.73 3.60 11.22
N HIS B 65 4.00 4.17 10.26
CA HIS B 65 3.16 5.35 10.50
C HIS B 65 1.76 4.98 10.98
N ALA B 66 1.23 3.88 10.46
CA ALA B 66 -0.09 3.38 10.86
C ALA B 66 -0.09 1.86 10.79
N ILE B 67 -0.77 1.24 11.75
CA ILE B 67 -0.98 -0.21 11.74
C ILE B 67 -2.40 -0.48 12.24
N ALA B 68 -3.06 -1.45 11.60
CA ALA B 68 -4.43 -1.78 11.93
C ALA B 68 -4.67 -3.25 11.58
N ALA B 69 -5.57 -3.89 12.30
CA ALA B 69 -5.88 -5.29 12.05
C ALA B 69 -7.36 -5.55 11.94
N ASN B 70 -7.70 -6.53 11.10
CA ASN B 70 -9.03 -7.12 11.05
C ASN B 70 -8.79 -8.60 11.30
N GLY B 71 -8.96 -9.00 12.55
CA GLY B 71 -8.59 -10.35 12.97
C GLY B 71 -7.11 -10.62 12.72
N ALA B 72 -6.85 -11.65 11.93
CA ALA B 72 -5.50 -12.13 11.63
C ALA B 72 -4.82 -11.39 10.47
N THR B 73 -5.52 -10.45 9.84
CA THR B 73 -4.95 -9.67 8.74
C THR B 73 -4.53 -8.31 9.28
N VAL B 74 -3.26 -7.96 9.08
CA VAL B 74 -2.68 -6.73 9.61
C VAL B 74 -2.19 -5.87 8.45
N LEU B 75 -2.62 -4.60 8.42
CA LEU B 75 -2.23 -3.65 7.36
CA LEU B 75 -2.21 -3.68 7.36
C LEU B 75 -1.32 -2.58 7.95
N THR B 76 -0.39 -2.09 7.13
CA THR B 76 0.60 -1.10 7.56
C THR B 76 0.82 -0.01 6.52
N GLU B 77 1.15 1.18 7.00
CA GLU B 77 1.68 2.29 6.18
C GLU B 77 3.05 2.62 6.78
N ARG B 78 4.09 2.63 5.94
CA ARG B 78 5.47 2.72 6.41
C ARG B 78 6.35 3.59 5.53
N THR B 79 7.46 4.03 6.10
CA THR B 79 8.61 4.50 5.32
CA THR B 79 8.59 4.45 5.28
C THR B 79 9.76 3.56 5.64
N ASP B 80 10.24 2.82 4.63
CA ASP B 80 11.32 1.86 4.84
C ASP B 80 12.64 2.50 4.48
N GLY B 81 13.45 2.77 5.50
CA GLY B 81 14.79 3.29 5.32
C GLY B 81 15.82 2.20 5.23
N PHE B 82 16.88 2.50 4.49
CA PHE B 82 18.01 1.60 4.31
C PHE B 82 19.31 2.40 4.40
N THR B 83 20.34 1.77 4.95
CA THR B 83 21.69 2.26 4.86
C THR B 83 22.49 1.23 4.06
N PHE B 84 23.07 1.69 2.97
CA PHE B 84 23.84 0.82 2.09
C PHE B 84 25.26 0.63 2.61
N THR B 85 26.01 -0.26 1.96
CA THR B 85 27.35 -0.62 2.42
CA THR B 85 27.36 -0.63 2.38
C THR B 85 28.28 0.58 2.56
N ASN B 86 28.18 1.57 1.67
CA ASN B 86 29.02 2.76 1.78
C ASN B 86 28.51 3.84 2.73
N GLY B 87 27.38 3.59 3.39
CA GLY B 87 26.80 4.54 4.32
C GLY B 87 25.73 5.45 3.76
N ARG B 88 25.53 5.44 2.44
CA ARG B 88 24.43 6.17 1.80
CA ARG B 88 24.45 6.25 1.90
C ARG B 88 23.11 5.69 2.39
N ARG B 89 22.17 6.60 2.57
CA ARG B 89 20.85 6.24 3.07
CA ARG B 89 20.84 6.25 3.08
C ARG B 89 19.77 6.58 2.07
N ALA B 90 18.69 5.81 2.09
CA ALA B 90 17.54 6.04 1.24
C ALA B 90 16.28 5.59 1.94
N THR B 91 15.15 6.10 1.47
CA THR B 91 13.84 5.69 1.97
C THR B 91 12.91 5.35 0.82
N ILE B 92 12.03 4.38 1.08
CA ILE B 92 10.98 4.00 0.15
CA ILE B 92 10.98 3.95 0.16
C ILE B 92 9.65 3.98 0.89
N ARG B 93 8.66 4.68 0.34
CA ARG B 93 7.31 4.75 0.91
C ARG B 93 6.55 3.48 0.51
N VAL B 94 5.94 2.81 1.49
CA VAL B 94 5.37 1.49 1.24
CA VAL B 94 5.37 1.47 1.28
C VAL B 94 4.16 1.24 2.16
N MET B 95 3.17 0.53 1.63
CA MET B 95 2.13 -0.07 2.47
C MET B 95 2.24 -1.58 2.35
N GLY B 96 1.95 -2.29 3.44
CA GLY B 96 2.04 -3.74 3.41
C GLY B 96 0.89 -4.43 4.11
N THR B 97 0.47 -5.56 3.53
CA THR B 97 -0.51 -6.46 4.14
C THR B 97 0.20 -7.72 4.63
N PHE B 98 -0.09 -8.09 5.87
CA PHE B 98 0.41 -9.30 6.50
C PHE B 98 -0.77 -10.19 6.88
N GLU B 99 -0.69 -11.47 6.52
CA GLU B 99 -1.68 -12.44 6.97
CA GLU B 99 -1.68 -12.47 6.93
C GLU B 99 -1.02 -13.41 7.94
N CYS B 100 -1.66 -13.62 9.10
CA CYS B 100 -1.17 -14.55 10.12
C CYS B 100 -2.04 -15.79 10.15
N ASP B 101 -1.49 -16.91 10.59
N ASP B 101 -1.41 -16.92 10.42
CA ASP B 101 -2.29 -18.10 10.90
CA ASP B 101 -2.08 -18.20 10.48
C ASP B 101 -2.75 -18.08 12.37
C ASP B 101 -2.50 -18.51 11.91
N ALA B 102 -3.38 -19.15 12.84
N ALA B 102 -2.97 -19.74 12.13
CA ALA B 102 -3.99 -19.16 14.19
CA ALA B 102 -3.49 -20.14 13.45
C ALA B 102 -2.97 -19.15 15.32
C ALA B 102 -2.57 -19.74 14.61
N GLU B 103 -1.76 -19.62 15.01
N GLU B 103 -1.28 -20.02 14.47
CA GLU B 103 -0.63 -19.55 15.95
CA GLU B 103 -0.31 -19.76 15.55
C GLU B 103 0.20 -18.28 15.72
C GLU B 103 0.27 -18.33 15.60
N ARG B 104 -0.35 -17.36 14.91
CA ARG B 104 0.22 -16.02 14.69
CA ARG B 104 0.17 -16.04 14.70
C ARG B 104 1.56 -16.07 14.02
N ARG B 105 1.77 -17.05 13.12
CA ARG B 105 2.90 -16.98 12.21
CA ARG B 105 2.90 -17.01 12.17
C ARG B 105 2.49 -16.29 10.90
N ILE B 106 3.41 -15.53 10.31
CA ILE B 106 3.14 -14.79 9.08
C ILE B 106 3.16 -15.77 7.91
N ILE B 107 2.03 -15.86 7.21
CA ILE B 107 1.87 -16.77 6.08
CA ILE B 107 1.88 -16.76 6.07
C ILE B 107 1.88 -16.01 4.74
N ALA B 108 1.63 -14.69 4.76
CA ALA B 108 1.72 -13.89 3.55
C ALA B 108 2.13 -12.49 3.92
N TRP B 109 2.98 -11.90 3.08
CA TRP B 109 3.46 -10.54 3.27
C TRP B 109 3.52 -9.90 1.88
N ARG B 110 2.63 -8.92 1.64
CA ARG B 110 2.52 -8.24 0.35
C ARG B 110 2.80 -6.75 0.53
N ASP B 111 3.88 -6.24 -0.09
CA ASP B 111 4.27 -4.83 0.00
C ASP B 111 4.02 -4.11 -1.33
N TYR B 112 3.41 -2.94 -1.19
CA TYR B 112 2.97 -2.08 -2.29
C TYR B 112 3.75 -0.77 -2.29
N PHE B 113 4.38 -0.49 -3.43
CA PHE B 113 5.27 0.67 -3.59
C PHE B 113 5.50 0.91 -5.06
N ASP B 114 6.10 2.07 -5.35
CA ASP B 114 6.44 2.44 -6.72
C ASP B 114 7.76 1.81 -7.12
N MET B 115 7.76 0.99 -8.18
CA MET B 115 8.98 0.36 -8.63
C MET B 115 10.03 1.39 -9.02
N LEU B 116 9.62 2.55 -9.55
CA LEU B 116 10.58 3.60 -9.92
C LEU B 116 11.34 4.15 -8.71
N GLU B 117 10.62 4.31 -7.60
CA GLU B 117 11.18 4.82 -6.36
CA GLU B 117 11.18 4.83 -6.34
C GLU B 117 12.21 3.82 -5.84
N PHE B 118 11.88 2.53 -5.94
CA PHE B 118 12.77 1.44 -5.59
C PHE B 118 14.01 1.36 -6.48
N GLN B 119 13.80 1.33 -7.80
CA GLN B 119 14.89 1.25 -8.78
CA GLN B 119 14.90 1.24 -8.76
C GLN B 119 15.90 2.41 -8.62
N ARG B 120 15.39 3.61 -8.34
CA ARG B 120 16.25 4.78 -8.14
CA ARG B 120 16.25 4.79 -8.14
C ARG B 120 17.26 4.53 -7.02
N GLU B 121 16.75 4.00 -5.92
CA GLU B 121 17.56 3.86 -4.73
C GLU B 121 18.43 2.62 -4.68
N PHE B 122 18.01 1.58 -5.39
CA PHE B 122 18.70 0.28 -5.35
C PHE B 122 19.58 0.02 -6.58
N ALA B 123 19.55 0.92 -7.57
CA ALA B 123 20.46 0.83 -8.71
C ALA B 123 21.92 1.01 -8.27
N GLY B 124 22.82 0.23 -8.84
CA GLY B 124 24.25 0.33 -8.55
C GLY B 124 24.60 -0.12 -7.14
N1 IMD C . -6.12 3.43 -8.00
C2 IMD C . -5.74 4.46 -7.24
N3 IMD C . -4.60 4.98 -7.74
C4 IMD C . -4.24 4.25 -8.80
C5 IMD C . -5.19 3.25 -8.96
N1 IMD D . -5.27 -9.80 -3.87
C2 IMD D . -6.33 -10.56 -3.46
N3 IMD D . -6.29 -10.64 -2.11
C4 IMD D . -5.23 -9.93 -1.67
C5 IMD D . -4.59 -9.41 -2.77
N1 IMD E . 10.23 -2.04 1.48
C2 IMD E . 9.67 -3.20 1.12
N3 IMD E . 9.74 -3.32 -0.22
C4 IMD E . 10.33 -2.22 -0.72
C5 IMD E . 10.62 -1.41 0.36
N1 IMD F . 3.92 9.27 5.70
C2 IMD F . 2.62 8.97 5.77
N3 IMD F . 2.21 9.20 7.04
C4 IMD F . 3.27 9.65 7.76
C5 IMD F . 4.35 9.69 6.91
#